data_8PYJ
#
_entry.id   8PYJ
#
_cell.length_a   69.300
_cell.length_b   69.300
_cell.length_c   142.804
_cell.angle_alpha   90.000
_cell.angle_beta   90.000
_cell.angle_gamma   90.000
#
_symmetry.space_group_name_H-M   'P 43 21 2'
#
loop_
_entity.id
_entity.type
_entity.pdbx_description
1 polymer 'Insulin-like growth factor 1 receptor beta chain'
2 non-polymer 5,5-dimethyl-1-(quinolin-4-ylmethyl)-3-[4-(trifluoromethylsulfonyl)phenyl]imidazolidine-2,4-dione
3 non-polymer 'NICKEL (II) ION'
4 non-polymer 'CADMIUM ION'
5 non-polymer 'ZINC ION'
6 water water
#
_entity_poly.entity_id   1
_entity_poly.type   'polypeptide(L)'
_entity_poly.pdbx_seq_one_letter_code
;MASVNPEYFSAADVYVPDEWEVAREKITMSRELGQGSFGMVYEGVAKGVVKDEPETRVAIKTVNEAASMRERIEFLNEAS
VMKEFNCHHVVRLLGVVSQGQPTLVIMELMTRGDLKSYLRSLRPEMENNPVLAPPSLSKMIQMAGEIADGMAYLNANKFV
HRDLAARNCMVAEDFTVKIGDFGMTRDIYETDYYRKGGKGLLPVRWMSPESLKDGVFTTYSDVWSFGVVLWEIATLAEQP
YQGLSNEQVLRFVMEGGLLDKPDNCPDMLFELMRMCWQYNPKMRPSFLEIISSIKEEMEPGFREVSFYYSEENKAENLYF
Q
;
_entity_poly.pdbx_strand_id   AAA
#
# COMPACT_ATOMS: atom_id res chain seq x y z
N VAL A 14 5.10 26.00 -2.87
CA VAL A 14 4.19 26.52 -3.93
C VAL A 14 3.61 25.35 -4.77
N TYR A 15 2.32 25.48 -5.14
CA TYR A 15 1.55 24.57 -6.04
C TYR A 15 0.62 25.42 -6.94
N VAL A 16 0.61 25.11 -8.24
CA VAL A 16 -0.21 25.75 -9.31
C VAL A 16 -1.38 24.82 -9.64
N PRO A 17 -2.65 25.24 -9.46
CA PRO A 17 -3.79 24.40 -9.83
C PRO A 17 -3.73 24.04 -11.32
N ASP A 18 -4.43 22.98 -11.74
CA ASP A 18 -4.54 22.63 -13.18
C ASP A 18 -5.95 22.06 -13.46
N GLU A 19 -6.07 21.35 -14.59
CA GLU A 19 -7.33 20.76 -15.13
C GLU A 19 -7.82 19.62 -14.23
N TRP A 20 -7.02 19.19 -13.25
CA TRP A 20 -7.35 18.11 -12.29
C TRP A 20 -8.27 18.69 -11.21
N GLU A 21 -8.04 19.96 -10.87
CA GLU A 21 -8.88 20.80 -9.96
C GLU A 21 -10.35 20.54 -10.26
N VAL A 22 -11.13 20.19 -9.24
CA VAL A 22 -12.62 20.18 -9.36
C VAL A 22 -13.18 21.01 -8.21
N ALA A 23 -14.43 21.44 -8.32
CA ALA A 23 -15.04 22.41 -7.39
C ALA A 23 -15.61 21.68 -6.17
N ARG A 24 -15.28 22.20 -4.98
CA ARG A 24 -15.79 21.74 -3.67
C ARG A 24 -17.26 21.34 -3.77
N GLU A 25 -18.08 22.05 -4.56
CA GLU A 25 -19.56 21.84 -4.58
C GLU A 25 -19.86 20.38 -4.93
N LYS A 26 -19.15 19.83 -5.93
CA LYS A 26 -19.45 18.55 -6.64
C LYS A 26 -19.07 17.34 -5.77
N ILE A 27 -18.50 17.58 -4.58
CA ILE A 27 -17.96 16.51 -3.68
C ILE A 27 -18.82 16.42 -2.42
N THR A 28 -19.40 15.25 -2.19
CA THR A 28 -20.09 14.88 -0.92
C THR A 28 -19.12 14.01 -0.13
N MET A 29 -19.12 14.14 1.21
CA MET A 29 -18.48 13.23 2.20
C MET A 29 -19.59 12.48 2.98
N SER A 30 -19.38 11.18 3.23
CA SER A 30 -20.20 10.28 4.10
C SER A 30 -19.32 9.79 5.26
N ARG A 31 -19.53 8.54 5.74
CA ARG A 31 -18.81 7.89 6.86
C ARG A 31 -17.29 8.00 6.61
N GLU A 32 -16.48 8.05 7.68
CA GLU A 32 -14.99 8.15 7.64
C GLU A 32 -14.35 6.82 7.27
N LEU A 33 -13.18 6.85 6.62
CA LEU A 33 -12.47 5.61 6.27
C LEU A 33 -11.26 5.41 7.21
N GLY A 34 -10.76 6.48 7.84
CA GLY A 34 -9.59 6.38 8.75
C GLY A 34 -8.73 7.62 8.78
N GLN A 35 -7.81 7.69 9.74
CA GLN A 35 -6.87 8.83 9.96
C GLN A 35 -5.66 8.72 8.99
N GLY A 36 -5.58 9.66 8.03
CA GLY A 36 -4.43 9.88 7.14
C GLY A 36 -3.31 10.69 7.79
N SER A 37 -2.11 10.62 7.21
CA SER A 37 -0.88 11.34 7.60
C SER A 37 -1.20 12.81 7.89
N PHE A 38 -2.01 13.45 7.04
CA PHE A 38 -2.27 14.92 7.04
C PHE A 38 -3.69 15.24 7.50
N GLY A 39 -4.60 14.26 7.55
CA GLY A 39 -5.99 14.54 7.97
C GLY A 39 -6.83 13.29 8.00
N MET A 40 -8.12 13.44 8.32
CA MET A 40 -9.09 12.33 8.27
C MET A 40 -9.39 12.03 6.79
N VAL A 41 -9.74 10.77 6.47
CA VAL A 41 -10.10 10.29 5.11
C VAL A 41 -11.56 9.83 5.12
N TYR A 42 -12.29 10.05 4.03
CA TYR A 42 -13.76 9.82 4.02
C TYR A 42 -14.16 9.05 2.78
N GLU A 43 -15.35 8.46 2.84
CA GLU A 43 -16.12 7.95 1.70
C GLU A 43 -16.97 9.10 1.15
N GLY A 44 -17.28 9.05 -0.13
CA GLY A 44 -18.01 10.16 -0.77
C GLY A 44 -18.55 9.76 -2.12
N VAL A 45 -19.10 10.77 -2.79
CA VAL A 45 -19.58 10.75 -4.19
C VAL A 45 -19.06 12.03 -4.86
N ALA A 46 -18.77 11.96 -6.16
CA ALA A 46 -18.24 13.08 -6.98
C ALA A 46 -18.89 13.08 -8.38
N LYS A 47 -19.12 14.28 -8.96
CA LYS A 47 -19.85 14.50 -10.24
C LYS A 47 -18.94 15.21 -11.27
N GLY A 48 -18.96 14.71 -12.52
CA GLY A 48 -18.18 15.26 -13.65
C GLY A 48 -16.69 15.00 -13.48
N VAL A 49 -16.32 13.83 -12.94
CA VAL A 49 -14.91 13.43 -12.69
C VAL A 49 -14.59 12.18 -13.50
N VAL A 50 -15.63 11.40 -13.84
CA VAL A 50 -15.56 10.27 -14.82
C VAL A 50 -16.58 10.53 -15.95
N LYS A 51 -16.10 10.31 -17.18
CA LYS A 51 -16.83 10.33 -18.48
C LYS A 51 -18.06 9.39 -18.39
N ASP A 52 -19.17 9.75 -19.06
CA ASP A 52 -20.48 9.02 -19.11
C ASP A 52 -20.75 8.32 -17.76
N GLU A 53 -21.08 9.08 -16.72
CA GLU A 53 -21.17 8.60 -15.29
C GLU A 53 -21.42 9.83 -14.42
N PRO A 54 -22.69 10.26 -14.22
CA PRO A 54 -22.98 11.56 -13.60
C PRO A 54 -22.46 11.66 -12.16
N GLU A 55 -22.43 10.51 -11.47
CA GLU A 55 -22.02 10.31 -10.06
C GLU A 55 -20.95 9.21 -10.01
N THR A 56 -19.97 9.33 -9.09
CA THR A 56 -18.83 8.39 -8.92
C THR A 56 -18.49 8.33 -7.43
N ARG A 57 -18.44 7.13 -6.83
CA ARG A 57 -18.01 6.95 -5.42
C ARG A 57 -16.50 7.04 -5.35
N VAL A 58 -16.03 7.77 -4.33
CA VAL A 58 -14.65 8.31 -4.25
C VAL A 58 -14.16 8.17 -2.81
N ALA A 59 -12.85 8.10 -2.61
CA ALA A 59 -12.23 8.27 -1.28
C ALA A 59 -11.76 9.73 -1.19
N ILE A 60 -12.24 10.48 -0.20
CA ILE A 60 -11.81 11.89 0.02
C ILE A 60 -10.74 11.91 1.11
N LYS A 61 -9.49 12.09 0.68
CA LYS A 61 -8.31 12.34 1.54
C LYS A 61 -8.32 13.84 1.87
N THR A 62 -8.04 14.25 3.12
CA THR A 62 -8.16 15.68 3.56
C THR A 62 -6.98 16.12 4.42
N VAL A 63 -6.92 17.42 4.76
CA VAL A 63 -5.95 18.05 5.70
C VAL A 63 -6.69 18.73 6.86
N ASN A 64 -6.08 18.70 8.06
CA ASN A 64 -6.51 19.50 9.24
C ASN A 64 -6.13 20.95 8.99
N GLU A 65 -7.12 21.84 9.11
CA GLU A 65 -6.97 23.32 9.07
C GLU A 65 -5.75 23.72 9.92
N ALA A 66 -5.45 22.93 10.95
CA ALA A 66 -4.38 23.22 11.95
C ALA A 66 -3.02 22.63 11.54
N ALA A 67 -2.81 22.24 10.28
CA ALA A 67 -1.50 21.76 9.75
C ALA A 67 -0.78 22.90 9.00
N SER A 68 0.55 22.83 8.87
CA SER A 68 1.39 23.92 8.29
C SER A 68 0.99 24.18 6.82
N MET A 69 1.38 25.33 6.25
CA MET A 69 1.16 25.65 4.81
C MET A 69 2.04 24.72 3.97
N ARG A 70 3.25 24.40 4.43
CA ARG A 70 4.25 23.59 3.67
C ARG A 70 3.88 22.11 3.81
N GLU A 71 3.02 21.77 4.77
CA GLU A 71 2.42 20.41 4.87
C GLU A 71 1.19 20.32 3.96
N ARG A 72 0.49 21.43 3.69
CA ARG A 72 -0.61 21.48 2.69
C ARG A 72 0.01 21.44 1.28
N ILE A 73 1.24 21.94 1.14
CA ILE A 73 2.04 21.88 -0.11
C ILE A 73 2.57 20.45 -0.29
N GLU A 74 3.15 19.86 0.77
CA GLU A 74 3.66 18.47 0.81
C GLU A 74 2.50 17.54 0.42
N PHE A 75 1.30 17.86 0.88
CA PHE A 75 0.11 16.99 0.68
C PHE A 75 -0.21 16.95 -0.81
N LEU A 76 -0.22 18.10 -1.48
CA LEU A 76 -0.64 18.24 -2.90
C LEU A 76 0.37 17.63 -3.86
N ASN A 77 1.66 17.73 -3.54
CA ASN A 77 2.79 17.36 -4.45
C ASN A 77 3.01 15.85 -4.42
N GLU A 78 2.42 15.16 -3.43
CA GLU A 78 2.27 13.68 -3.34
C GLU A 78 1.07 13.20 -4.18
N ALA A 79 0.15 14.09 -4.50
CA ALA A 79 -1.00 13.74 -5.36
C ALA A 79 -0.59 14.03 -6.81
N SER A 80 0.30 15.00 -6.99
CA SER A 80 0.81 15.41 -8.32
C SER A 80 1.60 14.25 -8.96
N VAL A 81 2.08 13.32 -8.13
CA VAL A 81 2.86 12.14 -8.58
C VAL A 81 1.87 11.19 -9.28
N MET A 82 0.68 11.00 -8.72
CA MET A 82 -0.37 10.12 -9.30
C MET A 82 -0.89 10.63 -10.64
N LYS A 83 -0.86 11.93 -10.94
CA LYS A 83 -1.31 12.54 -12.24
C LYS A 83 -0.61 11.81 -13.39
N GLU A 84 0.60 11.30 -13.16
CA GLU A 84 1.45 10.71 -14.21
C GLU A 84 1.01 9.27 -14.52
N PHE A 85 0.39 8.57 -13.56
CA PHE A 85 0.11 7.12 -13.58
C PHE A 85 -1.17 6.77 -14.34
N ASN A 86 -1.16 5.57 -14.95
CA ASN A 86 -2.29 5.03 -15.75
C ASN A 86 -2.28 3.49 -15.69
N CYS A 87 -2.09 2.90 -14.50
CA CYS A 87 -2.15 1.44 -14.28
C CYS A 87 -3.43 1.09 -13.48
N HIS A 88 -4.31 0.20 -14.00
CA HIS A 88 -5.54 -0.35 -13.36
C HIS A 88 -5.19 -1.09 -12.05
N HIS A 89 -3.90 -1.33 -11.73
CA HIS A 89 -3.51 -1.93 -10.42
C HIS A 89 -2.82 -0.89 -9.54
N VAL A 90 -3.02 0.37 -9.81
CA VAL A 90 -2.64 1.39 -8.80
C VAL A 90 -3.87 2.24 -8.61
N VAL A 91 -4.20 2.60 -7.39
CA VAL A 91 -5.48 3.32 -7.12
C VAL A 91 -5.50 4.66 -7.90
N ARG A 92 -6.58 4.96 -8.62
CA ARG A 92 -6.61 6.05 -9.66
C ARG A 92 -6.84 7.41 -9.01
N LEU A 93 -5.98 8.39 -9.31
CA LEU A 93 -6.28 9.80 -8.94
C LEU A 93 -7.45 10.30 -9.78
N LEU A 94 -8.43 10.93 -9.18
CA LEU A 94 -9.65 11.38 -9.91
C LEU A 94 -9.77 12.91 -9.99
N GLY A 95 -9.20 13.67 -9.04
CA GLY A 95 -9.33 15.14 -8.97
C GLY A 95 -8.70 15.73 -7.73
N VAL A 96 -8.48 17.06 -7.73
CA VAL A 96 -7.93 17.87 -6.60
C VAL A 96 -8.87 19.04 -6.26
N VAL A 97 -8.77 19.55 -5.03
CA VAL A 97 -9.48 20.77 -4.56
C VAL A 97 -8.49 21.59 -3.71
N SER A 98 -7.53 22.25 -4.34
CA SER A 98 -6.51 23.08 -3.65
C SER A 98 -7.13 24.39 -3.11
N GLN A 99 -8.10 24.97 -3.86
CA GLN A 99 -8.76 26.26 -3.55
C GLN A 99 -9.58 26.11 -2.27
N GLY A 100 -9.32 26.97 -1.27
CA GLY A 100 -10.03 27.03 0.01
C GLY A 100 -9.54 26.01 1.04
N GLN A 101 -10.41 25.70 1.99
CA GLN A 101 -10.14 25.04 3.30
C GLN A 101 -11.36 24.17 3.59
N PRO A 102 -11.26 22.83 3.77
CA PRO A 102 -9.98 22.12 3.78
C PRO A 102 -9.55 21.69 2.38
N THR A 103 -8.25 21.45 2.21
CA THR A 103 -7.62 20.96 0.95
C THR A 103 -7.97 19.48 0.83
N LEU A 104 -8.38 19.04 -0.37
CA LEU A 104 -8.92 17.69 -0.68
C LEU A 104 -8.18 17.11 -1.86
N VAL A 105 -8.09 15.78 -1.89
CA VAL A 105 -7.84 14.93 -3.09
C VAL A 105 -8.93 13.84 -3.12
N ILE A 106 -9.39 13.49 -4.32
CA ILE A 106 -10.49 12.53 -4.57
C ILE A 106 -9.87 11.38 -5.37
N MET A 107 -10.18 10.14 -5.00
CA MET A 107 -9.57 8.95 -5.64
C MET A 107 -10.66 7.91 -5.91
N GLU A 108 -10.34 6.97 -6.80
CA GLU A 108 -11.13 5.73 -7.05
C GLU A 108 -11.48 5.15 -5.69
N LEU A 109 -12.75 4.85 -5.39
CA LEU A 109 -13.17 4.19 -4.12
C LEU A 109 -13.06 2.67 -4.29
N MET A 110 -12.20 2.06 -3.50
CA MET A 110 -11.93 0.60 -3.45
C MET A 110 -12.83 0.00 -2.37
N THR A 111 -14.01 -0.48 -2.78
CA THR A 111 -15.21 -0.75 -1.96
C THR A 111 -15.05 -1.91 -0.97
N ARG A 112 -13.95 -2.67 -0.96
CA ARG A 112 -13.70 -3.75 0.05
C ARG A 112 -12.52 -3.37 0.98
N GLY A 113 -12.01 -2.15 0.89
CA GLY A 113 -10.96 -1.59 1.77
C GLY A 113 -9.65 -2.32 1.65
N ASP A 114 -8.86 -2.36 2.73
CA ASP A 114 -7.42 -2.73 2.64
C ASP A 114 -7.26 -4.26 2.62
N LEU A 115 -6.25 -4.77 1.94
CA LEU A 115 -6.04 -6.22 1.81
C LEU A 115 -5.93 -6.83 3.21
N LYS A 116 -5.34 -6.14 4.20
CA LYS A 116 -5.20 -6.79 5.54
C LYS A 116 -6.58 -7.04 6.20
N SER A 117 -7.52 -6.10 6.20
CA SER A 117 -8.85 -6.37 6.81
C SER A 117 -9.50 -7.49 6.03
N TYR A 118 -9.31 -7.49 4.70
CA TYR A 118 -10.04 -8.38 3.80
C TYR A 118 -9.62 -9.82 4.10
N LEU A 119 -8.31 -10.04 4.25
CA LEU A 119 -7.73 -11.35 4.63
C LEU A 119 -8.18 -11.72 6.04
N ARG A 120 -8.19 -10.78 7.00
CA ARG A 120 -8.58 -11.09 8.40
C ARG A 120 -10.05 -11.54 8.42
N SER A 121 -10.90 -10.92 7.61
CA SER A 121 -12.34 -11.27 7.57
C SER A 121 -12.55 -12.72 7.10
N LEU A 122 -11.51 -13.49 6.74
CA LEU A 122 -11.63 -14.88 6.21
C LEU A 122 -11.22 -15.91 7.26
N ARG A 123 -10.72 -15.52 8.42
CA ARG A 123 -10.26 -16.47 9.48
C ARG A 123 -11.44 -17.31 9.99
N PRO A 124 -12.53 -16.70 10.55
CA PRO A 124 -13.55 -17.46 11.27
C PRO A 124 -14.43 -18.37 10.39
N GLU A 125 -14.34 -18.23 9.06
CA GLU A 125 -15.01 -19.09 8.03
C GLU A 125 -14.46 -20.51 8.15
N PRO A 134 -9.61 -22.91 3.35
CA PRO A 134 -8.35 -22.34 2.87
C PRO A 134 -8.55 -21.70 1.49
N PRO A 135 -8.17 -20.41 1.23
CA PRO A 135 -8.24 -19.84 -0.11
C PRO A 135 -7.34 -20.67 -1.03
N SER A 136 -7.70 -20.76 -2.32
CA SER A 136 -7.03 -21.62 -3.35
C SER A 136 -5.70 -21.00 -3.75
N LEU A 137 -4.73 -21.86 -4.05
CA LEU A 137 -3.44 -21.41 -4.63
C LEU A 137 -3.75 -20.40 -5.75
N SER A 138 -4.63 -20.76 -6.70
CA SER A 138 -5.08 -19.87 -7.80
C SER A 138 -5.32 -18.44 -7.28
N LYS A 139 -6.16 -18.29 -6.26
CA LYS A 139 -6.69 -16.96 -5.85
C LYS A 139 -5.54 -16.20 -5.21
N MET A 140 -4.71 -16.90 -4.45
CA MET A 140 -3.54 -16.33 -3.73
C MET A 140 -2.51 -15.86 -4.77
N ILE A 141 -2.46 -16.51 -5.93
CA ILE A 141 -1.48 -16.27 -7.02
C ILE A 141 -2.02 -15.17 -7.94
N GLN A 142 -3.32 -15.16 -8.27
CA GLN A 142 -4.05 -13.95 -8.75
C GLN A 142 -3.61 -12.71 -7.95
N MET A 143 -3.99 -12.64 -6.68
CA MET A 143 -3.76 -11.47 -5.81
C MET A 143 -2.30 -11.10 -5.94
N ALA A 144 -1.43 -12.10 -5.99
CA ALA A 144 0.02 -11.90 -5.95
C ALA A 144 0.45 -11.19 -7.23
N GLY A 145 -0.13 -11.60 -8.38
CA GLY A 145 0.16 -11.06 -9.72
C GLY A 145 -0.39 -9.66 -9.84
N GLU A 146 -1.50 -9.37 -9.17
CA GLU A 146 -2.20 -8.07 -9.27
C GLU A 146 -1.44 -7.00 -8.46
N ILE A 147 -0.84 -7.41 -7.33
CA ILE A 147 0.11 -6.56 -6.53
C ILE A 147 1.40 -6.29 -7.32
N ALA A 148 2.00 -7.33 -7.91
CA ALA A 148 3.29 -7.32 -8.63
C ALA A 148 3.17 -6.49 -9.93
N ASP A 149 1.99 -6.47 -10.56
CA ASP A 149 1.69 -5.60 -11.73
C ASP A 149 1.75 -4.12 -11.30
N GLY A 150 1.00 -3.72 -10.29
CA GLY A 150 0.99 -2.33 -9.85
C GLY A 150 2.40 -1.93 -9.53
N MET A 151 3.13 -2.79 -8.80
CA MET A 151 4.45 -2.42 -8.24
C MET A 151 5.47 -2.30 -9.39
N ALA A 152 5.40 -3.20 -10.37
CA ALA A 152 6.25 -3.18 -11.59
C ALA A 152 6.13 -1.80 -12.23
N TYR A 153 4.89 -1.33 -12.41
CA TYR A 153 4.56 0.00 -12.99
C TYR A 153 5.23 1.10 -12.16
N LEU A 154 5.06 1.07 -10.84
CA LEU A 154 5.53 2.15 -9.95
C LEU A 154 7.05 2.18 -10.05
N ASN A 155 7.70 1.04 -9.84
CA ASN A 155 9.18 0.87 -9.90
C ASN A 155 9.66 1.49 -11.23
N ALA A 156 8.97 1.26 -12.35
CA ALA A 156 9.31 1.79 -13.69
C ALA A 156 9.04 3.29 -13.83
N ASN A 157 8.13 3.87 -13.08
CA ASN A 157 7.83 5.33 -13.08
C ASN A 157 8.64 5.95 -11.95
N LYS A 158 9.66 5.21 -11.49
CA LYS A 158 10.76 5.66 -10.60
C LYS A 158 10.22 6.02 -9.21
N PHE A 159 9.24 5.25 -8.73
CA PHE A 159 8.55 5.34 -7.42
C PHE A 159 8.84 4.10 -6.57
N VAL A 160 9.43 4.33 -5.39
CA VAL A 160 9.70 3.31 -4.34
C VAL A 160 8.70 3.53 -3.22
N HIS A 161 7.82 2.55 -2.97
CA HIS A 161 6.63 2.66 -2.05
C HIS A 161 7.08 2.91 -0.61
N ARG A 162 8.06 2.12 -0.17
CA ARG A 162 8.73 2.09 1.16
C ARG A 162 7.75 1.73 2.30
N ASP A 163 6.48 1.49 2.05
CA ASP A 163 5.55 0.95 3.07
C ASP A 163 4.61 0.00 2.34
N LEU A 164 5.13 -0.81 1.41
CA LEU A 164 4.30 -1.88 0.78
C LEU A 164 4.00 -2.90 1.86
N ALA A 165 2.71 -3.13 2.12
CA ALA A 165 2.22 -4.15 3.05
C ALA A 165 0.78 -4.46 2.66
N ALA A 166 0.20 -5.53 3.18
CA ALA A 166 -1.18 -5.90 2.83
C ALA A 166 -2.11 -4.75 3.23
N ARG A 167 -1.81 -4.05 4.33
CA ARG A 167 -2.72 -2.97 4.82
C ARG A 167 -2.70 -1.75 3.87
N ASN A 168 -1.76 -1.74 2.91
CA ASN A 168 -1.56 -0.65 1.95
C ASN A 168 -1.98 -1.07 0.53
N CYS A 169 -2.29 -2.35 0.31
CA CYS A 169 -3.00 -2.83 -0.91
C CYS A 169 -4.50 -2.58 -0.70
N MET A 170 -5.28 -2.41 -1.76
CA MET A 170 -6.73 -2.06 -1.67
C MET A 170 -7.50 -2.95 -2.62
N VAL A 171 -8.72 -3.31 -2.24
CA VAL A 171 -9.50 -4.38 -2.92
C VAL A 171 -10.76 -3.74 -3.48
N ALA A 172 -11.07 -4.07 -4.73
CA ALA A 172 -12.22 -3.56 -5.51
C ALA A 172 -13.42 -4.49 -5.33
N GLU A 173 -14.64 -4.02 -5.62
CA GLU A 173 -15.90 -4.80 -5.53
C GLU A 173 -15.70 -6.20 -6.18
N ASP A 174 -14.96 -6.29 -7.28
CA ASP A 174 -14.70 -7.56 -8.03
C ASP A 174 -13.53 -8.35 -7.42
N PHE A 175 -12.86 -7.86 -6.36
CA PHE A 175 -11.84 -8.60 -5.57
C PHE A 175 -10.45 -8.44 -6.17
N THR A 176 -10.35 -7.67 -7.24
CA THR A 176 -9.08 -7.23 -7.88
C THR A 176 -8.29 -6.38 -6.87
N VAL A 177 -6.98 -6.58 -6.80
CA VAL A 177 -6.14 -5.85 -5.81
C VAL A 177 -5.40 -4.70 -6.50
N LYS A 178 -5.33 -3.57 -5.80
CA LYS A 178 -4.58 -2.38 -6.27
C LYS A 178 -3.67 -1.90 -5.15
N ILE A 179 -2.45 -1.52 -5.54
CA ILE A 179 -1.48 -0.80 -4.70
C ILE A 179 -2.14 0.53 -4.32
N GLY A 180 -2.15 0.82 -3.02
CA GLY A 180 -2.49 2.15 -2.50
C GLY A 180 -1.52 2.47 -1.39
N ASP A 181 -1.84 3.51 -0.63
CA ASP A 181 -1.06 3.95 0.55
C ASP A 181 -2.00 4.71 1.46
N PHE A 182 -2.22 4.18 2.64
CA PHE A 182 -3.10 4.78 3.66
C PHE A 182 -2.24 5.24 4.82
N GLY A 183 -0.97 5.58 4.59
CA GLY A 183 -0.11 6.23 5.60
C GLY A 183 0.14 5.38 6.83
N MET A 184 0.77 5.98 7.84
CA MET A 184 1.30 5.25 9.00
C MET A 184 0.51 5.59 10.26
N THR A 185 -0.75 6.04 10.15
CA THR A 185 -1.37 6.81 11.26
C THR A 185 -2.68 6.17 11.76
N ARG A 186 -3.19 5.11 11.14
CA ARG A 186 -4.44 4.44 11.61
C ARG A 186 -4.22 3.75 12.96
N ASP A 187 -5.08 4.04 13.93
CA ASP A 187 -5.13 3.35 15.25
C ASP A 187 -5.11 1.85 15.02
N ILE A 188 -5.83 1.41 14.00
CA ILE A 188 -6.17 -0.01 13.72
C ILE A 188 -4.87 -0.82 13.54
N TYR A 189 -3.80 -0.25 12.95
CA TYR A 189 -2.53 -0.98 12.68
C TYR A 189 -1.34 -0.34 13.40
N GLU A 190 -1.55 0.13 14.63
CA GLU A 190 -0.52 0.71 15.54
C GLU A 190 0.53 -0.38 15.83
N THR A 191 0.16 -1.63 16.04
CA THR A 191 1.13 -2.75 16.22
C THR A 191 2.14 -2.79 15.08
N ASP A 192 1.75 -2.44 13.84
CA ASP A 192 2.62 -2.60 12.62
C ASP A 192 3.68 -1.51 12.48
N TYR A 193 3.89 -0.65 13.48
CA TYR A 193 4.90 0.45 13.40
C TYR A 193 5.66 0.65 14.71
N TYR A 194 6.95 0.91 14.58
CA TYR A 194 7.90 1.13 15.69
C TYR A 194 8.48 2.53 15.51
N ARG A 195 8.38 3.41 16.50
CA ARG A 195 9.16 4.68 16.48
C ARG A 195 10.59 4.33 16.86
N LYS A 196 11.44 3.94 15.92
CA LYS A 196 12.83 3.54 16.24
C LYS A 196 13.60 4.77 16.70
N GLY A 197 14.50 4.58 17.66
CA GLY A 197 15.27 5.66 18.30
C GLY A 197 14.37 6.80 18.77
N GLY A 198 13.06 6.60 18.74
CA GLY A 198 12.06 7.61 19.10
C GLY A 198 11.83 8.60 17.98
N LYS A 199 12.40 8.35 16.79
CA LYS A 199 12.27 9.19 15.57
C LYS A 199 10.87 8.95 14.95
N GLY A 200 10.77 8.75 13.63
CA GLY A 200 9.47 8.58 12.94
C GLY A 200 9.01 7.13 12.96
N LEU A 201 7.77 6.87 12.58
CA LEU A 201 7.23 5.50 12.61
C LEU A 201 7.99 4.68 11.57
N LEU A 202 8.27 3.41 11.86
CA LEU A 202 8.83 2.47 10.85
C LEU A 202 8.08 1.16 10.85
N PRO A 203 7.75 0.65 9.65
CA PRO A 203 7.08 -0.64 9.49
C PRO A 203 8.11 -1.78 9.53
N VAL A 204 8.79 -1.91 10.66
CA VAL A 204 10.05 -2.70 10.80
C VAL A 204 9.82 -4.16 10.38
N ARG A 205 8.62 -4.70 10.61
CA ARG A 205 8.31 -6.14 10.33
C ARG A 205 8.34 -6.39 8.81
N TRP A 206 8.19 -5.36 7.98
CA TRP A 206 8.07 -5.47 6.51
C TRP A 206 9.35 -4.98 5.85
N MET A 207 10.40 -4.69 6.60
CA MET A 207 11.59 -3.97 6.04
C MET A 207 12.77 -4.89 5.74
N SER A 208 13.37 -4.66 4.57
CA SER A 208 14.62 -5.30 4.09
C SER A 208 15.69 -5.16 5.16
N PRO A 209 16.64 -6.09 5.31
CA PRO A 209 17.83 -5.86 6.13
C PRO A 209 18.51 -4.51 5.83
N GLU A 210 18.66 -4.11 4.57
CA GLU A 210 19.40 -2.87 4.25
C GLU A 210 18.57 -1.60 4.60
N SER A 211 17.24 -1.73 4.64
CA SER A 211 16.33 -0.64 5.10
C SER A 211 16.50 -0.48 6.60
N LEU A 212 16.62 -1.61 7.30
CA LEU A 212 16.71 -1.63 8.79
C LEU A 212 18.08 -1.06 9.24
N LYS A 213 19.17 -1.46 8.59
CA LYS A 213 20.55 -1.07 8.98
C LYS A 213 20.83 0.39 8.61
N ASP A 214 20.73 0.71 7.32
CA ASP A 214 21.36 1.89 6.69
C ASP A 214 20.30 2.87 6.18
N GLY A 215 19.02 2.50 6.16
CA GLY A 215 17.98 3.39 5.63
C GLY A 215 18.05 3.48 4.12
N VAL A 216 18.17 2.35 3.46
CA VAL A 216 18.31 2.23 1.99
C VAL A 216 17.03 1.62 1.48
N PHE A 217 16.20 2.43 0.83
CA PHE A 217 14.92 2.06 0.19
C PHE A 217 15.12 2.07 -1.33
N THR A 218 14.72 0.99 -1.98
CA THR A 218 14.90 0.75 -3.41
C THR A 218 13.76 -0.14 -3.88
N THR A 219 13.53 -0.20 -5.19
CA THR A 219 12.79 -1.30 -5.89
C THR A 219 13.01 -2.57 -5.08
N TYR A 220 14.28 -2.94 -4.83
CA TYR A 220 14.69 -4.24 -4.26
C TYR A 220 14.15 -4.45 -2.83
N SER A 221 14.08 -3.36 -2.05
CA SER A 221 13.49 -3.36 -0.70
C SER A 221 11.96 -3.41 -0.82
N ASP A 222 11.39 -2.82 -1.89
CA ASP A 222 9.97 -3.02 -2.23
C ASP A 222 9.74 -4.50 -2.50
N VAL A 223 10.68 -5.21 -3.16
CA VAL A 223 10.51 -6.66 -3.44
C VAL A 223 10.54 -7.44 -2.12
N TRP A 224 11.35 -7.03 -1.13
CA TRP A 224 11.32 -7.68 0.19
C TRP A 224 9.93 -7.54 0.85
N SER A 225 9.35 -6.36 0.82
CA SER A 225 8.03 -6.10 1.45
C SER A 225 6.96 -6.98 0.76
N PHE A 226 7.12 -7.18 -0.53
CA PHE A 226 6.25 -8.07 -1.34
C PHE A 226 6.37 -9.51 -0.81
N GLY A 227 7.57 -9.98 -0.50
CA GLY A 227 7.72 -11.31 0.13
C GLY A 227 6.89 -11.39 1.39
N VAL A 228 6.88 -10.31 2.17
CA VAL A 228 6.11 -10.34 3.45
C VAL A 228 4.61 -10.25 3.12
N VAL A 229 4.23 -9.60 2.03
CA VAL A 229 2.78 -9.53 1.67
C VAL A 229 2.35 -10.96 1.33
N LEU A 230 3.19 -11.71 0.63
CA LEU A 230 2.88 -13.10 0.22
C LEU A 230 2.71 -13.96 1.47
N TRP A 231 3.63 -13.79 2.42
CA TRP A 231 3.46 -14.38 3.77
C TRP A 231 2.07 -13.96 4.34
N GLU A 232 1.72 -12.66 4.33
CA GLU A 232 0.43 -12.16 4.90
C GLU A 232 -0.78 -12.87 4.24
N ILE A 233 -0.77 -12.97 2.91
CA ILE A 233 -1.85 -13.67 2.15
C ILE A 233 -1.92 -15.13 2.64
N ALA A 234 -0.78 -15.81 2.76
CA ALA A 234 -0.70 -17.25 3.08
C ALA A 234 -1.09 -17.53 4.54
N THR A 235 -0.96 -16.55 5.43
CA THR A 235 -1.27 -16.69 6.88
C THR A 235 -2.62 -16.04 7.20
N LEU A 236 -3.20 -15.31 6.25
CA LEU A 236 -4.43 -14.46 6.42
C LEU A 236 -4.10 -13.30 7.36
N ALA A 237 -2.98 -12.64 7.09
CA ALA A 237 -2.52 -11.38 7.74
C ALA A 237 -2.27 -11.58 9.23
N GLU A 238 -1.44 -12.57 9.59
CA GLU A 238 -0.88 -12.67 10.96
C GLU A 238 0.16 -11.58 11.05
N GLN A 239 0.67 -11.31 12.26
CA GLN A 239 1.78 -10.34 12.44
C GLN A 239 3.05 -11.08 12.07
N PRO A 240 3.85 -10.57 11.13
CA PRO A 240 5.17 -11.15 10.87
C PRO A 240 6.00 -11.16 12.17
N TYR A 241 6.74 -12.25 12.44
CA TYR A 241 7.61 -12.41 13.65
C TYR A 241 6.84 -12.16 14.95
N GLN A 242 5.58 -12.63 15.00
CA GLN A 242 4.74 -12.71 16.23
C GLN A 242 5.55 -13.39 17.34
N GLY A 243 5.74 -12.74 18.49
CA GLY A 243 6.56 -13.28 19.61
C GLY A 243 7.95 -12.68 19.65
N LEU A 244 8.42 -11.97 18.61
CA LEU A 244 9.58 -11.07 18.80
C LEU A 244 9.10 -9.62 19.03
N SER A 245 9.86 -8.88 19.83
CA SER A 245 9.72 -7.42 20.03
C SER A 245 10.23 -6.68 18.77
N ASN A 246 9.97 -5.38 18.66
CA ASN A 246 10.49 -4.58 17.53
C ASN A 246 12.03 -4.65 17.55
N GLU A 247 12.69 -4.59 18.69
CA GLU A 247 14.17 -4.55 18.67
C GLU A 247 14.67 -5.95 18.28
N GLN A 248 13.94 -6.98 18.68
CA GLN A 248 14.30 -8.39 18.39
C GLN A 248 14.12 -8.67 16.90
N VAL A 249 13.06 -8.13 16.29
CA VAL A 249 12.90 -8.21 14.81
C VAL A 249 14.14 -7.63 14.10
N LEU A 250 14.49 -6.37 14.38
CA LEU A 250 15.76 -5.76 13.88
C LEU A 250 16.86 -6.82 13.91
N ARG A 251 17.27 -7.24 15.10
CA ARG A 251 18.45 -8.13 15.31
C ARG A 251 18.30 -9.36 14.41
N PHE A 252 17.11 -9.95 14.41
CA PHE A 252 16.84 -11.24 13.76
C PHE A 252 17.06 -11.06 12.26
N VAL A 253 16.36 -10.11 11.66
CA VAL A 253 16.42 -9.85 10.20
C VAL A 253 17.80 -9.34 9.78
N MET A 254 18.47 -8.49 10.57
CA MET A 254 19.77 -7.92 10.16
C MET A 254 20.84 -9.02 10.19
N GLU A 255 20.64 -10.06 10.98
CA GLU A 255 21.63 -11.17 11.11
C GLU A 255 21.23 -12.30 10.16
N GLY A 256 20.22 -12.12 9.32
CA GLY A 256 19.90 -13.04 8.20
C GLY A 256 18.73 -13.97 8.48
N GLY A 257 18.01 -13.76 9.58
CA GLY A 257 16.77 -14.50 9.91
C GLY A 257 15.65 -14.25 8.90
N LEU A 258 14.75 -15.23 8.76
CA LEU A 258 13.61 -15.27 7.81
C LEU A 258 12.33 -15.76 8.51
N LEU A 259 11.19 -15.44 7.92
CA LEU A 259 9.89 -15.97 8.39
C LEU A 259 9.86 -17.46 8.08
N ASP A 260 9.05 -18.19 8.85
CA ASP A 260 8.80 -19.64 8.65
C ASP A 260 7.76 -19.81 7.54
N LYS A 261 7.87 -20.91 6.79
CA LYS A 261 6.79 -21.41 5.92
C LYS A 261 5.50 -21.30 6.70
N PRO A 262 4.49 -20.58 6.22
CA PRO A 262 3.15 -20.68 6.80
C PRO A 262 2.58 -22.12 6.78
N ASP A 263 1.71 -22.42 7.74
CA ASP A 263 0.93 -23.67 7.74
C ASP A 263 0.25 -23.79 6.37
N ASN A 264 0.23 -25.00 5.79
CA ASN A 264 -0.56 -25.36 4.60
C ASN A 264 -0.14 -24.56 3.37
N CYS A 265 1.05 -23.92 3.41
CA CYS A 265 1.57 -23.04 2.35
C CYS A 265 1.94 -23.85 1.12
N PRO A 266 1.45 -23.46 -0.06
CA PRO A 266 1.83 -24.13 -1.30
C PRO A 266 3.33 -23.91 -1.57
N ASP A 267 4.00 -24.94 -2.10
CA ASP A 267 5.45 -24.89 -2.46
C ASP A 267 5.77 -23.60 -3.23
N MET A 268 4.98 -23.30 -4.25
CA MET A 268 5.29 -22.31 -5.30
C MET A 268 5.35 -20.94 -4.66
N LEU A 269 4.48 -20.75 -3.69
CA LEU A 269 4.29 -19.46 -2.98
C LEU A 269 5.35 -19.27 -1.90
N PHE A 270 5.87 -20.32 -1.24
CA PHE A 270 6.98 -20.14 -0.28
C PHE A 270 8.27 -19.86 -1.06
N GLU A 271 8.45 -20.43 -2.25
CA GLU A 271 9.70 -20.23 -3.04
C GLU A 271 9.73 -18.77 -3.52
N LEU A 272 8.60 -18.23 -4.00
CA LEU A 272 8.50 -16.76 -4.24
C LEU A 272 9.02 -16.01 -3.01
N MET A 273 8.36 -16.18 -1.86
CA MET A 273 8.83 -15.59 -0.57
C MET A 273 10.35 -15.62 -0.44
N ARG A 274 10.98 -16.79 -0.49
CA ARG A 274 12.44 -16.95 -0.31
C ARG A 274 13.20 -16.02 -1.24
N MET A 275 12.86 -16.07 -2.53
CA MET A 275 13.51 -15.28 -3.60
C MET A 275 13.57 -13.83 -3.11
N CYS A 276 12.43 -13.32 -2.64
CA CYS A 276 12.21 -11.90 -2.25
C CYS A 276 13.01 -11.54 -0.99
N TRP A 277 13.50 -12.55 -0.25
CA TRP A 277 14.18 -12.43 1.06
C TRP A 277 15.65 -12.79 0.94
N GLN A 278 16.21 -12.77 -0.26
CA GLN A 278 17.67 -12.87 -0.42
C GLN A 278 18.28 -11.70 0.38
N TYR A 279 19.22 -11.98 1.28
CA TYR A 279 19.94 -10.95 2.04
C TYR A 279 20.50 -9.92 1.06
N ASN A 280 21.22 -10.38 0.06
CA ASN A 280 21.84 -9.50 -0.96
C ASN A 280 20.74 -8.91 -1.84
N PRO A 281 20.45 -7.59 -1.83
CA PRO A 281 19.34 -7.04 -2.60
C PRO A 281 19.45 -7.41 -4.08
N LYS A 282 20.66 -7.39 -4.62
CA LYS A 282 20.93 -7.63 -6.06
C LYS A 282 20.63 -9.10 -6.41
N MET A 283 20.19 -9.89 -5.44
CA MET A 283 19.90 -11.34 -5.63
C MET A 283 18.38 -11.57 -5.74
N ARG A 284 17.59 -10.67 -5.17
CA ARG A 284 16.12 -10.70 -5.28
C ARG A 284 15.74 -10.46 -6.73
N PRO A 285 14.55 -10.99 -7.14
CA PRO A 285 14.03 -10.75 -8.48
C PRO A 285 13.29 -9.41 -8.63
N SER A 286 13.14 -8.93 -9.87
CA SER A 286 12.33 -7.72 -10.15
C SER A 286 10.84 -8.11 -10.09
N PHE A 287 9.97 -7.13 -9.94
CA PHE A 287 8.51 -7.33 -10.08
C PHE A 287 8.25 -7.88 -11.50
N LEU A 288 9.00 -7.38 -12.50
CA LEU A 288 8.88 -7.88 -13.89
C LEU A 288 9.12 -9.39 -13.92
N GLU A 289 10.21 -9.86 -13.29
CA GLU A 289 10.60 -11.30 -13.17
C GLU A 289 9.55 -12.02 -12.33
N ILE A 290 9.07 -11.44 -11.24
CA ILE A 290 7.98 -12.07 -10.45
C ILE A 290 6.76 -12.30 -11.35
N ILE A 291 6.31 -11.30 -12.10
CA ILE A 291 5.15 -11.45 -13.05
C ILE A 291 5.43 -12.58 -14.04
N SER A 292 6.60 -12.62 -14.67
CA SER A 292 6.99 -13.69 -15.62
C SER A 292 6.87 -15.05 -14.94
N SER A 293 7.30 -15.11 -13.69
CA SER A 293 7.42 -16.35 -12.90
C SER A 293 6.00 -16.86 -12.61
N ILE A 294 5.07 -16.01 -12.17
CA ILE A 294 3.67 -16.47 -11.89
C ILE A 294 2.95 -16.75 -13.23
N LYS A 295 3.23 -15.98 -14.28
CA LYS A 295 2.60 -16.13 -15.62
C LYS A 295 2.86 -17.56 -16.14
N GLU A 296 4.05 -18.15 -15.94
CA GLU A 296 4.29 -19.59 -16.27
C GLU A 296 3.75 -20.46 -15.12
N GLU A 297 2.44 -20.29 -14.85
CA GLU A 297 1.59 -20.99 -13.83
C GLU A 297 0.15 -20.51 -14.05
N MET A 298 -0.40 -20.80 -15.24
CA MET A 298 -1.81 -20.52 -15.64
C MET A 298 -2.15 -21.23 -16.95
#